data_3K1Z
#
_entry.id   3K1Z
#
_cell.length_a   51.625
_cell.length_b   62.455
_cell.length_c   79.665
_cell.angle_alpha   90.00
_cell.angle_beta   90.00
_cell.angle_gamma   90.00
#
_symmetry.space_group_name_H-M   'P 21 21 21'
#
loop_
_entity.id
_entity.type
_entity.pdbx_description
1 polymer 'Haloacid dehalogenase-like hydrolase domain-containing protein 3'
2 non-polymer 1,2-ETHANEDIOL
3 non-polymer GLYCEROL
4 water water
#
_entity_poly.entity_id   1
_entity_poly.type   'polypeptide(L)'
_entity_poly.pdbx_seq_one_letter_code
;(MSE)RLLTWDVKDTLLRLRHPLGEAYATKARAHGLEVEPSALEQGFRQAYRAQSHSFPNYGLSHGLTSRQWWLDVVLQT
FHLAGVQDAQAVAPIAEQLYKDFSHPCTWQVLDGAEDTLRECRTRGLRLAVISNFDRRLEGILGGLGLREHFDFVLTSEA
AGWPKPDPRIFQEALRLAH(MSE)EPVVAAHVGDNYLCDYQGPRAVG(MSE)HSFLVVGPQALDPVVRDSVPKEHILPSL
AHLLPALDCLEGSAENLYFQSHHHHHHDYKDDDDK
;
_entity_poly.pdbx_strand_id   A
#
loop_
_chem_comp.id
_chem_comp.type
_chem_comp.name
_chem_comp.formula
EDO non-polymer 1,2-ETHANEDIOL 'C2 H6 O2'
GOL non-polymer GLYCEROL 'C3 H8 O3'
#
# COMPACT_ATOMS: atom_id res chain seq x y z
N MSE A 1 -0.06 18.97 16.06
CA MSE A 1 -0.67 17.91 15.17
C MSE A 1 -1.60 17.03 15.99
O MSE A 1 -1.33 16.77 17.16
CB MSE A 1 0.42 17.06 14.54
CG MSE A 1 0.06 16.46 13.21
SE MSE A 1 -0.16 17.73 11.80
CE MSE A 1 1.69 18.20 11.55
N ARG A 2 -2.70 16.58 15.37
CA ARG A 2 -3.67 15.72 16.07
C ARG A 2 -3.90 14.37 15.42
N LEU A 3 -3.73 14.29 14.11
CA LEU A 3 -3.95 13.06 13.36
C LEU A 3 -2.77 12.78 12.42
N LEU A 4 -2.34 11.52 12.38
CA LEU A 4 -1.34 11.06 11.43
C LEU A 4 -1.98 9.95 10.65
N THR A 5 -2.01 10.09 9.33
CA THR A 5 -2.51 9.05 8.50
C THR A 5 -1.33 8.38 7.78
N TRP A 6 -1.53 7.12 7.39
CA TRP A 6 -0.44 6.27 6.93
C TRP A 6 -0.78 5.47 5.72
N ASP A 7 0.15 5.34 4.78
CA ASP A 7 0.08 4.15 3.92
C ASP A 7 1.00 3.10 4.51
N VAL A 8 0.89 1.87 4.03
CA VAL A 8 1.58 0.77 4.67
C VAL A 8 2.90 0.35 3.97
N LYS A 9 3.09 0.71 2.69
CA LYS A 9 4.25 0.26 1.87
C LYS A 9 5.54 0.92 2.32
N ASP A 10 6.59 0.12 2.45
CA ASP A 10 7.89 0.65 2.83
C ASP A 10 7.84 1.68 3.96
N THR A 11 6.71 1.72 4.68
CA THR A 11 6.60 2.46 5.91
C THR A 11 6.49 1.46 7.02
N LEU A 12 5.42 0.63 6.93
CA LEU A 12 5.09 -0.36 7.94
C LEU A 12 5.38 -1.82 7.53
N LEU A 13 5.16 -2.14 6.27
CA LEU A 13 5.15 -3.52 5.73
C LEU A 13 5.90 -3.59 4.43
N ARG A 14 6.44 -4.76 4.13
CA ARG A 14 6.86 -5.08 2.77
C ARG A 14 6.58 -6.54 2.56
N LEU A 15 6.41 -6.93 1.30
CA LEU A 15 6.29 -8.35 0.96
C LEU A 15 7.60 -9.09 1.31
N ARG A 16 7.44 -10.26 1.92
CA ARG A 16 8.56 -11.09 2.32
C ARG A 16 9.35 -11.65 1.12
N HIS A 17 8.65 -12.00 0.04
CA HIS A 17 9.29 -12.62 -1.11
C HIS A 17 8.90 -11.90 -2.38
N PRO A 18 9.80 -11.86 -3.39
CA PRO A 18 9.35 -11.22 -4.63
C PRO A 18 8.19 -12.02 -5.22
N LEU A 19 7.34 -11.33 -5.96
CA LEU A 19 6.12 -11.93 -6.51
C LEU A 19 6.39 -13.10 -7.44
N GLY A 20 7.39 -12.96 -8.29
CA GLY A 20 7.76 -14.00 -9.21
C GLY A 20 8.08 -15.28 -8.46
N GLU A 21 8.88 -15.14 -7.41
CA GLU A 21 9.28 -16.28 -6.60
C GLU A 21 8.06 -16.90 -5.91
N ALA A 22 7.21 -16.03 -5.37
CA ALA A 22 6.01 -16.47 -4.65
C ALA A 22 5.05 -17.22 -5.59
N TYR A 23 4.80 -16.65 -6.76
CA TYR A 23 3.92 -17.30 -7.73
C TYR A 23 4.52 -18.63 -8.21
N ALA A 24 5.80 -18.61 -8.57
CA ALA A 24 6.49 -19.80 -9.03
C ALA A 24 6.52 -20.92 -7.97
N THR A 25 6.74 -20.53 -6.71
CA THR A 25 6.81 -21.51 -5.62
C THR A 25 5.45 -22.18 -5.43
N LYS A 26 4.42 -21.36 -5.41
CA LYS A 26 3.05 -21.87 -5.31
C LYS A 26 2.71 -22.78 -6.49
N ALA A 27 3.05 -22.33 -7.69
CA ALA A 27 2.73 -23.09 -8.89
C ALA A 27 3.43 -24.45 -8.87
N ARG A 28 4.70 -24.47 -8.49
CA ARG A 28 5.46 -25.75 -8.41
C ARG A 28 4.76 -26.73 -7.50
N ALA A 29 4.30 -26.25 -6.34
CA ALA A 29 3.63 -27.10 -5.37
C ALA A 29 2.41 -27.80 -6.01
N HIS A 30 1.74 -27.10 -6.92
CA HIS A 30 0.55 -27.56 -7.62
C HIS A 30 0.80 -28.18 -8.99
N GLY A 31 2.06 -28.45 -9.27
CA GLY A 31 2.46 -29.26 -10.43
C GLY A 31 2.74 -28.50 -11.70
N LEU A 32 2.89 -27.18 -11.59
CA LEU A 32 3.19 -26.32 -12.74
C LEU A 32 4.55 -25.70 -12.51
N GLU A 33 5.43 -25.89 -13.49
CA GLU A 33 6.81 -25.44 -13.39
C GLU A 33 6.98 -24.24 -14.29
N VAL A 34 7.03 -23.06 -13.68
CA VAL A 34 7.07 -21.80 -14.42
C VAL A 34 8.21 -20.98 -13.82
N GLU A 35 9.01 -20.34 -14.68
CA GLU A 35 10.11 -19.52 -14.18
C GLU A 35 9.59 -18.22 -13.55
N PRO A 36 10.16 -17.83 -12.41
CA PRO A 36 9.81 -16.61 -11.73
C PRO A 36 9.90 -15.39 -12.64
N SER A 37 10.95 -15.30 -13.45
CA SER A 37 11.08 -14.18 -14.37
C SER A 37 9.92 -14.09 -15.37
N ALA A 38 9.41 -15.24 -15.83
CA ALA A 38 8.28 -15.27 -16.76
C ALA A 38 7.02 -14.77 -16.08
N LEU A 39 6.85 -15.17 -14.82
CA LEU A 39 5.70 -14.72 -14.06
C LEU A 39 5.78 -13.22 -13.68
N GLU A 40 6.99 -12.74 -13.36
CA GLU A 40 7.19 -11.32 -13.02
C GLU A 40 6.84 -10.45 -14.23
N GLN A 41 7.27 -10.87 -15.41
CA GLN A 41 6.95 -10.14 -16.63
C GLN A 41 5.47 -10.24 -16.95
N GLY A 42 4.93 -11.44 -16.85
CA GLY A 42 3.50 -11.66 -17.10
C GLY A 42 2.65 -10.80 -16.19
N PHE A 43 3.03 -10.76 -14.92
CA PHE A 43 2.30 -9.97 -13.93
C PHE A 43 2.31 -8.47 -14.22
N ARG A 44 3.49 -7.93 -14.47
CA ARG A 44 3.66 -6.52 -14.89
CA ARG A 44 3.60 -6.51 -14.83
C ARG A 44 2.65 -6.18 -16.00
N GLN A 45 2.64 -7.02 -17.03
CA GLN A 45 1.74 -6.79 -18.13
CA GLN A 45 1.77 -6.81 -18.18
C GLN A 45 0.30 -6.98 -17.81
N ALA A 46 -0.01 -8.04 -17.06
CA ALA A 46 -1.40 -8.33 -16.71
C ALA A 46 -2.00 -7.26 -15.80
N TYR A 47 -1.19 -6.80 -14.85
CA TYR A 47 -1.65 -5.80 -13.89
C TYR A 47 -1.93 -4.50 -14.64
N ARG A 48 -1.02 -4.12 -15.51
CA ARG A 48 -1.16 -2.87 -16.27
C ARG A 48 -2.41 -2.94 -17.16
N ALA A 49 -2.59 -4.07 -17.85
CA ALA A 49 -3.73 -4.25 -18.74
C ALA A 49 -5.05 -4.18 -17.99
N GLN A 50 -5.10 -4.86 -16.85
CA GLN A 50 -6.30 -4.86 -16.04
C GLN A 50 -6.62 -3.45 -15.52
N SER A 51 -5.61 -2.72 -15.05
CA SER A 51 -5.82 -1.36 -14.57
C SER A 51 -6.25 -0.41 -15.68
N HIS A 52 -5.76 -0.65 -16.89
CA HIS A 52 -6.09 0.14 -18.07
C HIS A 52 -7.60 0.15 -18.31
N SER A 53 -8.22 -1.02 -18.27
CA SER A 53 -9.68 -1.18 -18.53
C SER A 53 -10.58 -1.14 -17.30
N PHE A 54 -10.01 -1.51 -16.17
CA PHE A 54 -10.74 -1.63 -14.91
C PHE A 54 -9.98 -0.90 -13.78
N PRO A 55 -9.90 0.42 -13.84
CA PRO A 55 -9.21 1.16 -12.78
C PRO A 55 -9.82 0.94 -11.37
N ASN A 56 -9.00 1.10 -10.32
CA ASN A 56 -9.40 0.92 -8.92
C ASN A 56 -10.22 -0.34 -8.73
N TYR A 57 -9.60 -1.47 -9.10
CA TYR A 57 -10.12 -2.83 -8.89
C TYR A 57 -11.43 -3.13 -9.61
N GLY A 58 -11.75 -2.34 -10.63
CA GLY A 58 -12.93 -2.58 -11.44
C GLY A 58 -14.23 -2.27 -10.74
N LEU A 59 -14.17 -1.64 -9.57
CA LEU A 59 -15.36 -1.48 -8.75
C LEU A 59 -16.39 -0.57 -9.43
N SER A 60 -15.92 0.39 -10.23
CA SER A 60 -16.79 1.29 -10.97
C SER A 60 -17.35 0.70 -12.26
N HIS A 61 -16.92 -0.52 -12.59
CA HIS A 61 -17.32 -1.14 -13.85
C HIS A 61 -17.64 -2.62 -13.67
N GLY A 62 -18.42 -2.92 -12.64
CA GLY A 62 -19.07 -4.23 -12.54
C GLY A 62 -18.23 -5.36 -11.96
N LEU A 63 -17.05 -5.05 -11.44
CA LEU A 63 -16.24 -6.09 -10.84
C LEU A 63 -16.11 -5.95 -9.33
N THR A 64 -15.66 -7.03 -8.71
CA THR A 64 -15.21 -7.05 -7.32
C THR A 64 -13.70 -7.12 -7.36
N SER A 65 -13.06 -6.66 -6.30
CA SER A 65 -11.62 -6.68 -6.27
C SER A 65 -11.08 -8.13 -6.23
N ARG A 66 -11.80 -9.09 -5.64
CA ARG A 66 -11.38 -10.48 -5.72
C ARG A 66 -11.37 -10.95 -7.17
N GLN A 67 -12.43 -10.65 -7.90
CA GLN A 67 -12.47 -11.05 -9.31
C GLN A 67 -11.37 -10.37 -10.13
N TRP A 68 -11.14 -9.09 -9.87
CA TRP A 68 -10.11 -8.34 -10.52
C TRP A 68 -8.77 -9.04 -10.36
N TRP A 69 -8.42 -9.42 -9.13
CA TRP A 69 -7.15 -10.11 -8.85
C TRP A 69 -7.11 -11.51 -9.48
N LEU A 70 -8.23 -12.24 -9.46
CA LEU A 70 -8.28 -13.54 -10.15
C LEU A 70 -7.96 -13.34 -11.62
N ASP A 71 -8.60 -12.37 -12.26
CA ASP A 71 -8.32 -12.04 -13.67
C ASP A 71 -6.82 -11.80 -13.88
N VAL A 72 -6.19 -11.03 -13.00
CA VAL A 72 -4.78 -10.65 -13.16
C VAL A 72 -3.91 -11.90 -13.02
N VAL A 73 -4.23 -12.74 -12.05
CA VAL A 73 -3.41 -13.98 -11.88
C VAL A 73 -3.58 -14.93 -13.07
N LEU A 74 -4.83 -15.14 -13.52
CA LEU A 74 -5.10 -15.97 -14.69
C LEU A 74 -4.27 -15.44 -15.87
N GLN A 75 -4.29 -14.13 -16.09
CA GLN A 75 -3.60 -13.57 -17.23
C GLN A 75 -2.07 -13.62 -17.09
N THR A 76 -1.56 -13.47 -15.87
CA THR A 76 -0.15 -13.63 -15.57
C THR A 76 0.35 -14.99 -16.01
N PHE A 77 -0.40 -16.02 -15.64
CA PHE A 77 0.00 -17.38 -15.99
C PHE A 77 -0.19 -17.64 -17.47
N HIS A 78 -1.23 -17.08 -18.03
CA HIS A 78 -1.49 -17.19 -19.47
C HIS A 78 -0.31 -16.64 -20.27
N LEU A 79 0.14 -15.43 -19.90
CA LEU A 79 1.26 -14.80 -20.60
C LEU A 79 2.53 -15.59 -20.39
N ALA A 80 2.65 -16.24 -19.24
CA ALA A 80 3.79 -17.11 -18.94
C ALA A 80 3.72 -18.48 -19.62
N GLY A 81 2.61 -18.76 -20.32
CA GLY A 81 2.50 -19.95 -21.15
C GLY A 81 1.55 -21.04 -20.66
N VAL A 82 0.77 -20.77 -19.61
CA VAL A 82 -0.23 -21.70 -19.08
C VAL A 82 -1.62 -21.15 -19.31
N GLN A 83 -2.27 -21.65 -20.36
CA GLN A 83 -3.56 -21.13 -20.80
C GLN A 83 -4.77 -21.85 -20.17
N ASP A 84 -4.55 -23.01 -19.55
CA ASP A 84 -5.65 -23.80 -18.99
C ASP A 84 -6.15 -23.13 -17.72
N ALA A 85 -7.29 -22.45 -17.82
CA ALA A 85 -7.83 -21.74 -16.70
C ALA A 85 -8.19 -22.68 -15.54
N GLN A 86 -8.49 -23.92 -15.87
CA GLN A 86 -8.84 -24.95 -14.86
CA GLN A 86 -8.87 -24.86 -14.81
C GLN A 86 -7.65 -25.27 -13.98
N ALA A 87 -6.47 -25.24 -14.60
CA ALA A 87 -5.23 -25.57 -13.89
C ALA A 87 -4.79 -24.40 -12.99
N VAL A 88 -5.01 -23.16 -13.44
CA VAL A 88 -4.53 -21.99 -12.71
C VAL A 88 -5.49 -21.58 -11.62
N ALA A 89 -6.80 -21.81 -11.83
CA ALA A 89 -7.84 -21.32 -10.90
C ALA A 89 -7.55 -21.56 -9.42
N PRO A 90 -7.20 -22.79 -9.04
CA PRO A 90 -6.89 -23.13 -7.65
C PRO A 90 -5.61 -22.44 -7.12
N ILE A 91 -4.63 -22.24 -7.99
CA ILE A 91 -3.39 -21.53 -7.69
C ILE A 91 -3.74 -20.10 -7.41
N ALA A 92 -4.54 -19.51 -8.29
CA ALA A 92 -4.98 -18.13 -8.09
C ALA A 92 -5.75 -17.94 -6.78
N GLU A 93 -6.64 -18.86 -6.46
CA GLU A 93 -7.37 -18.76 -5.20
C GLU A 93 -6.44 -18.83 -3.99
N GLN A 94 -5.46 -19.74 -3.99
CA GLN A 94 -4.51 -19.79 -2.87
C GLN A 94 -3.66 -18.54 -2.78
N LEU A 95 -3.26 -17.97 -3.93
CA LEU A 95 -2.47 -16.73 -3.88
C LEU A 95 -3.30 -15.57 -3.28
N TYR A 96 -4.58 -15.52 -3.65
CA TYR A 96 -5.51 -14.51 -3.17
C TYR A 96 -5.68 -14.60 -1.66
N LYS A 97 -5.86 -15.82 -1.16
CA LYS A 97 -5.99 -16.06 0.26
C LYS A 97 -4.67 -15.83 1.01
N ASP A 98 -3.58 -16.39 0.51
CA ASP A 98 -2.28 -16.23 1.18
C ASP A 98 -1.86 -14.78 1.34
N PHE A 99 -2.30 -13.91 0.43
CA PHE A 99 -1.98 -12.47 0.51
C PHE A 99 -2.32 -11.87 1.85
N SER A 100 -3.33 -12.41 2.53
CA SER A 100 -3.76 -11.86 3.80
C SER A 100 -3.01 -12.45 4.99
N HIS A 101 -2.31 -13.57 4.78
CA HIS A 101 -1.67 -14.30 5.84
C HIS A 101 -0.43 -13.52 6.32
N PRO A 102 -0.23 -13.45 7.64
CA PRO A 102 0.89 -12.64 8.12
C PRO A 102 2.25 -13.10 7.60
N CYS A 103 2.39 -14.37 7.25
CA CYS A 103 3.69 -14.89 6.79
CA CYS A 103 3.69 -14.89 6.79
C CYS A 103 4.07 -14.35 5.41
N THR A 104 3.13 -13.72 4.72
CA THR A 104 3.38 -13.10 3.42
C THR A 104 4.16 -11.79 3.57
N TRP A 105 4.13 -11.23 4.78
CA TRP A 105 4.59 -9.86 5.05
C TRP A 105 5.72 -9.84 6.06
N GLN A 106 6.52 -8.78 5.99
CA GLN A 106 7.49 -8.45 7.00
C GLN A 106 7.13 -7.07 7.54
N VAL A 107 6.91 -6.97 8.85
CA VAL A 107 6.75 -5.66 9.49
C VAL A 107 8.15 -5.07 9.62
N LEU A 108 8.31 -3.85 9.15
CA LEU A 108 9.62 -3.23 9.13
C LEU A 108 10.09 -2.96 10.53
N ASP A 109 11.40 -3.09 10.73
CA ASP A 109 12.02 -2.85 12.01
C ASP A 109 11.66 -1.45 12.48
N GLY A 110 11.28 -1.35 13.75
CA GLY A 110 10.93 -0.07 14.36
C GLY A 110 9.56 0.51 14.01
N ALA A 111 8.83 -0.11 13.08
CA ALA A 111 7.55 0.46 12.66
C ALA A 111 6.54 0.42 13.81
N GLU A 112 6.40 -0.74 14.46
CA GLU A 112 5.41 -0.80 15.55
C GLU A 112 5.77 0.12 16.74
N ASP A 113 7.07 0.21 17.08
CA ASP A 113 7.51 1.15 18.13
C ASP A 113 7.16 2.59 17.77
N THR A 114 7.29 2.93 16.49
CA THR A 114 6.96 4.27 16.02
C THR A 114 5.48 4.55 16.18
N LEU A 115 4.63 3.60 15.77
CA LEU A 115 3.17 3.75 15.97
C LEU A 115 2.80 3.90 17.48
N ARG A 116 3.42 3.10 18.34
CA ARG A 116 3.14 3.18 19.74
CA ARG A 116 3.15 3.18 19.77
C ARG A 116 3.57 4.55 20.33
N GLU A 117 4.73 5.03 19.88
CA GLU A 117 5.26 6.32 20.35
C GLU A 117 4.35 7.50 19.90
N CYS A 118 3.82 7.39 18.68
CA CYS A 118 2.87 8.37 18.16
C CYS A 118 1.61 8.43 19.02
N ARG A 119 1.10 7.26 19.39
CA ARG A 119 -0.10 7.18 20.22
C ARG A 119 0.17 7.73 21.64
N THR A 120 1.35 7.46 22.19
CA THR A 120 1.70 7.92 23.53
C THR A 120 1.83 9.45 23.57
N ARG A 121 2.12 10.04 22.41
CA ARG A 121 2.06 11.51 22.25
C ARG A 121 0.65 12.06 22.14
N GLY A 122 -0.34 11.18 22.01
CA GLY A 122 -1.73 11.59 21.92
C GLY A 122 -2.25 11.71 20.50
N LEU A 123 -1.43 11.35 19.51
CA LEU A 123 -1.90 11.42 18.13
C LEU A 123 -2.93 10.34 17.85
N ARG A 124 -3.95 10.69 17.07
CA ARG A 124 -4.81 9.68 16.48
C ARG A 124 -4.15 9.18 15.21
N LEU A 125 -4.23 7.88 14.96
CA LEU A 125 -3.69 7.29 13.72
C LEU A 125 -4.79 6.66 12.86
N ALA A 126 -4.60 6.72 11.55
CA ALA A 126 -5.51 6.04 10.63
C ALA A 126 -4.72 5.68 9.38
N VAL A 127 -5.26 4.78 8.57
CA VAL A 127 -4.65 4.38 7.32
C VAL A 127 -5.40 4.96 6.14
N ILE A 128 -4.66 5.44 5.16
CA ILE A 128 -5.20 5.82 3.86
C ILE A 128 -4.31 5.14 2.85
N SER A 129 -4.86 4.14 2.15
CA SER A 129 -4.06 3.26 1.29
C SER A 129 -4.74 2.93 -0.02
N ASN A 130 -3.98 2.91 -1.13
N ASN A 130 -3.94 2.75 -1.09
CA ASN A 130 -4.45 2.33 -2.42
C ASN A 130 -4.19 0.85 -2.25
C ASN A 130 -4.64 0.80 -2.62
N PHE A 131 -5.21 0.15 -1.81
N PHE A 131 -4.84 0.17 -1.52
CA PHE A 131 -5.07 -1.23 -1.44
C PHE A 131 -6.50 -1.65 -1.62
C PHE A 131 -6.50 -1.64 -1.66
N ASP A 132 -6.72 -2.93 -1.86
CA ASP A 132 -8.06 -3.49 -1.90
C ASP A 132 -8.52 -3.80 -0.49
N ARG A 133 -9.72 -4.35 -0.39
CA ARG A 133 -10.37 -4.60 0.89
C ARG A 133 -9.64 -5.53 1.84
N ARG A 134 -8.63 -6.25 1.36
CA ARG A 134 -7.91 -7.18 2.22
C ARG A 134 -7.02 -6.50 3.26
N LEU A 135 -6.79 -5.20 3.13
CA LEU A 135 -5.79 -4.53 4.01
C LEU A 135 -6.13 -4.62 5.49
N GLU A 136 -7.39 -4.39 5.85
CA GLU A 136 -7.86 -4.54 7.25
C GLU A 136 -7.40 -5.86 7.89
N GLY A 137 -7.70 -6.95 7.21
CA GLY A 137 -7.38 -8.29 7.72
C GLY A 137 -5.87 -8.54 7.71
N ILE A 138 -5.14 -7.97 6.76
CA ILE A 138 -3.65 -8.06 6.76
C ILE A 138 -3.13 -7.43 8.05
N LEU A 139 -3.57 -6.20 8.32
CA LEU A 139 -3.18 -5.54 9.53
C LEU A 139 -3.58 -6.30 10.78
N GLY A 140 -4.79 -6.87 10.82
CA GLY A 140 -5.26 -7.64 11.97
C GLY A 140 -4.43 -8.88 12.24
N GLY A 141 -4.13 -9.63 11.18
CA GLY A 141 -3.29 -10.82 11.27
C GLY A 141 -1.88 -10.55 11.77
N LEU A 142 -1.38 -9.34 11.53
CA LEU A 142 -0.05 -8.91 11.99
C LEU A 142 -0.07 -8.19 13.34
N GLY A 143 -1.25 -8.04 13.92
CA GLY A 143 -1.41 -7.36 15.21
C GLY A 143 -1.24 -5.86 15.14
N LEU A 144 -1.42 -5.29 13.96
CA LEU A 144 -1.23 -3.86 13.76
C LEU A 144 -2.54 -3.04 13.69
N ARG A 145 -3.67 -3.71 13.49
CA ARG A 145 -4.94 -3.03 13.32
C ARG A 145 -5.31 -2.20 14.56
N GLU A 146 -4.90 -2.65 15.75
CA GLU A 146 -5.24 -2.01 17.01
C GLU A 146 -4.78 -0.56 17.14
N HIS A 147 -3.77 -0.17 16.35
CA HIS A 147 -3.16 1.14 16.47
C HIS A 147 -4.00 2.19 15.79
N PHE A 148 -4.90 1.77 14.90
CA PHE A 148 -5.57 2.66 13.95
C PHE A 148 -7.04 2.88 14.27
N ASP A 149 -7.52 4.09 14.10
CA ASP A 149 -8.93 4.40 14.33
C ASP A 149 -9.82 3.89 13.19
N PHE A 150 -9.29 3.90 11.98
CA PHE A 150 -9.95 3.33 10.79
C PHE A 150 -8.94 3.01 9.72
N VAL A 151 -9.36 2.21 8.76
CA VAL A 151 -8.55 1.84 7.61
C VAL A 151 -9.33 2.18 6.37
N LEU A 152 -8.93 3.25 5.68
CA LEU A 152 -9.59 3.74 4.49
C LEU A 152 -8.78 3.32 3.29
N THR A 153 -9.31 2.35 2.57
CA THR A 153 -8.72 1.90 1.33
C THR A 153 -9.35 2.63 0.15
N SER A 154 -8.65 2.63 -0.99
CA SER A 154 -9.24 3.15 -2.23
C SER A 154 -10.48 2.37 -2.63
N GLU A 155 -10.50 1.07 -2.34
CA GLU A 155 -11.74 0.30 -2.56
C GLU A 155 -12.91 0.88 -1.75
N ALA A 156 -12.69 1.11 -0.46
CA ALA A 156 -13.74 1.61 0.39
C ALA A 156 -14.16 3.05 0.05
N ALA A 157 -13.16 3.88 -0.28
CA ALA A 157 -13.42 5.26 -0.59
C ALA A 157 -14.05 5.50 -1.93
N GLY A 158 -13.78 4.61 -2.88
CA GLY A 158 -14.23 4.76 -4.27
C GLY A 158 -13.32 5.60 -5.17
N TRP A 159 -12.24 6.13 -4.60
CA TRP A 159 -11.23 6.91 -5.33
C TRP A 159 -9.89 6.62 -4.68
N PRO A 160 -8.84 6.51 -5.48
CA PRO A 160 -7.52 6.30 -4.95
C PRO A 160 -6.77 7.60 -4.68
N LYS A 161 -5.75 7.53 -3.82
CA LYS A 161 -4.78 8.59 -3.80
C LYS A 161 -4.21 8.70 -5.23
N PRO A 162 -3.95 9.94 -5.70
CA PRO A 162 -3.95 11.21 -5.02
C PRO A 162 -5.26 12.00 -5.06
N ASP A 163 -6.38 11.37 -5.47
CA ASP A 163 -7.62 12.11 -5.58
C ASP A 163 -7.98 12.79 -4.24
N PRO A 164 -8.33 14.07 -4.29
CA PRO A 164 -8.66 14.74 -3.03
C PRO A 164 -9.76 14.04 -2.21
N ARG A 165 -10.68 13.36 -2.89
CA ARG A 165 -11.83 12.79 -2.21
C ARG A 165 -11.44 11.74 -1.18
N ILE A 166 -10.36 10.99 -1.38
CA ILE A 166 -9.99 9.99 -0.39
C ILE A 166 -9.49 10.68 0.90
N PHE A 167 -8.69 11.73 0.73
CA PHE A 167 -8.20 12.49 1.89
C PHE A 167 -9.34 13.17 2.60
N GLN A 168 -10.22 13.78 1.83
CA GLN A 168 -11.40 14.46 2.42
C GLN A 168 -12.27 13.47 3.24
N GLU A 169 -12.45 12.25 2.71
CA GLU A 169 -13.21 11.24 3.45
C GLU A 169 -12.51 10.84 4.77
N ALA A 170 -11.19 10.69 4.73
CA ALA A 170 -10.43 10.40 5.97
C ALA A 170 -10.61 11.50 7.00
N LEU A 171 -10.54 12.75 6.54
CA LEU A 171 -10.71 13.88 7.45
C LEU A 171 -12.12 13.93 8.03
N ARG A 172 -13.12 13.58 7.21
CA ARG A 172 -14.49 13.50 7.70
C ARG A 172 -14.64 12.40 8.78
N LEU A 173 -14.09 11.21 8.52
CA LEU A 173 -14.11 10.11 9.50
C LEU A 173 -13.41 10.43 10.82
N ALA A 174 -12.35 11.23 10.71
CA ALA A 174 -11.56 11.66 11.89
C ALA A 174 -12.14 12.88 12.60
N HIS A 175 -13.11 13.53 11.95
CA HIS A 175 -13.61 14.83 12.39
C HIS A 175 -12.48 15.85 12.62
N MSE A 176 -11.59 15.97 11.64
CA MSE A 176 -10.38 16.82 11.72
C MSE A 176 -10.26 17.77 10.54
O MSE A 176 -10.58 17.42 9.40
CB MSE A 176 -9.11 15.97 11.76
CG MSE A 176 -8.97 15.06 12.96
SE MSE A 176 -8.41 16.02 14.51
CE MSE A 176 -8.43 14.59 15.87
N GLU A 177 -9.78 18.97 10.83
CA GLU A 177 -9.39 19.93 9.79
C GLU A 177 -8.03 19.53 9.20
N PRO A 178 -7.81 19.82 7.93
CA PRO A 178 -6.55 19.39 7.29
C PRO A 178 -5.28 19.88 8.02
N VAL A 179 -5.29 21.09 8.57
CA VAL A 179 -4.06 21.70 9.12
CA VAL A 179 -4.05 21.68 9.10
C VAL A 179 -3.53 20.97 10.36
N VAL A 180 -4.37 20.18 11.02
CA VAL A 180 -3.94 19.39 12.18
C VAL A 180 -3.66 17.92 11.83
N ALA A 181 -3.66 17.58 10.53
CA ALA A 181 -3.42 16.22 10.04
C ALA A 181 -2.18 16.14 9.18
N ALA A 182 -1.40 15.08 9.36
CA ALA A 182 -0.20 14.82 8.53
C ALA A 182 -0.32 13.42 7.97
N HIS A 183 0.02 13.23 6.71
CA HIS A 183 0.04 11.90 6.10
C HIS A 183 1.49 11.45 5.84
N VAL A 184 1.74 10.15 6.01
CA VAL A 184 3.09 9.57 5.84
C VAL A 184 3.01 8.39 4.83
N GLY A 185 3.84 8.39 3.79
CA GLY A 185 3.93 7.25 2.87
C GLY A 185 5.13 7.41 1.97
N ASP A 186 5.28 6.50 1.00
CA ASP A 186 6.51 6.45 0.19
C ASP A 186 6.39 6.87 -1.27
N ASN A 187 5.22 7.32 -1.69
CA ASN A 187 5.00 7.67 -3.09
C ASN A 187 4.83 9.20 -3.21
N TYR A 188 5.67 9.81 -4.02
CA TYR A 188 5.65 11.25 -4.18
C TYR A 188 4.27 11.80 -4.56
N LEU A 189 3.69 11.24 -5.61
CA LEU A 189 2.41 11.74 -6.10
C LEU A 189 1.30 11.44 -5.06
N CYS A 190 1.22 10.20 -4.63
CA CYS A 190 0.08 9.75 -3.82
C CYS A 190 0.15 10.20 -2.38
N ASP A 191 1.36 10.17 -1.80
CA ASP A 191 1.54 10.39 -0.37
C ASP A 191 2.12 11.75 -0.01
N TYR A 192 2.83 12.41 -0.95
CA TYR A 192 3.35 13.72 -0.66
C TYR A 192 2.42 14.81 -1.24
N GLN A 193 2.24 14.80 -2.55
CA GLN A 193 1.48 15.84 -3.24
C GLN A 193 0.01 15.73 -2.90
N GLY A 194 -0.51 14.52 -2.93
CA GLY A 194 -1.94 14.32 -2.72
C GLY A 194 -2.52 14.97 -1.48
N PRO A 195 -1.94 14.70 -0.29
CA PRO A 195 -2.43 15.29 0.96
C PRO A 195 -2.27 16.79 1.00
N ARG A 196 -1.15 17.28 0.45
CA ARG A 196 -0.89 18.71 0.48
C ARG A 196 -1.88 19.49 -0.37
N ALA A 197 -2.45 18.86 -1.38
CA ALA A 197 -3.45 19.50 -2.22
C ALA A 197 -4.76 19.77 -1.48
N VAL A 198 -5.02 19.09 -0.37
CA VAL A 198 -6.21 19.37 0.44
C VAL A 198 -5.85 20.10 1.75
N GLY A 199 -4.59 20.52 1.88
CA GLY A 199 -4.16 21.33 3.03
C GLY A 199 -3.59 20.53 4.19
N MSE A 200 -3.46 19.22 4.04
CA MSE A 200 -2.81 18.41 5.06
C MSE A 200 -1.31 18.62 4.95
O MSE A 200 -0.77 18.97 3.90
CB MSE A 200 -3.08 16.92 4.87
CG MSE A 200 -4.52 16.56 5.06
SE MSE A 200 -4.95 14.72 4.62
CE MSE A 200 -4.01 13.84 6.03
N HIS A 201 -0.63 18.28 6.04
CA HIS A 201 0.81 18.08 6.00
C HIS A 201 1.12 16.69 5.46
N SER A 202 2.31 16.47 4.94
CA SER A 202 2.71 15.14 4.50
C SER A 202 4.22 15.05 4.59
N PHE A 203 4.64 13.81 4.79
CA PHE A 203 6.03 13.38 4.89
C PHE A 203 6.26 12.19 4.01
N LEU A 204 7.36 12.23 3.25
CA LEU A 204 7.71 11.23 2.27
C LEU A 204 8.86 10.38 2.75
N VAL A 205 8.63 9.06 2.87
CA VAL A 205 9.63 8.09 3.29
C VAL A 205 10.37 7.70 2.01
N VAL A 206 11.68 7.95 1.96
CA VAL A 206 12.46 7.74 0.74
C VAL A 206 13.48 6.64 0.80
N GLY A 207 13.70 6.09 1.99
CA GLY A 207 14.67 5.03 2.15
C GLY A 207 16.08 5.53 2.09
N PRO A 208 17.05 4.59 2.08
CA PRO A 208 18.43 4.92 2.03
C PRO A 208 18.94 5.17 0.61
N GLN A 209 18.14 4.87 -0.41
CA GLN A 209 18.60 5.05 -1.79
C GLN A 209 18.63 6.54 -2.13
N ALA A 210 19.57 6.90 -3.01
CA ALA A 210 19.68 8.27 -3.48
C ALA A 210 18.31 8.73 -4.00
N LEU A 211 18.04 10.02 -3.88
CA LEU A 211 16.76 10.54 -4.23
C LEU A 211 16.41 10.53 -5.73
N ASP A 212 15.13 10.22 -6.03
CA ASP A 212 14.44 10.60 -7.28
C ASP A 212 14.68 12.09 -7.55
N PRO A 213 15.16 12.46 -8.75
CA PRO A 213 15.44 13.86 -9.03
C PRO A 213 14.31 14.81 -8.70
N VAL A 214 13.08 14.45 -9.04
CA VAL A 214 11.96 15.35 -8.77
C VAL A 214 11.79 15.60 -7.28
N VAL A 215 11.96 14.56 -6.46
CA VAL A 215 11.91 14.75 -5.01
C VAL A 215 13.06 15.62 -4.52
N ARG A 216 14.26 15.31 -4.96
CA ARG A 216 15.48 16.07 -4.62
CA ARG A 216 15.44 16.06 -4.58
C ARG A 216 15.27 17.54 -4.92
N ASP A 217 14.72 17.82 -6.09
CA ASP A 217 14.65 19.20 -6.57
C ASP A 217 13.47 19.96 -6.07
N SER A 218 12.41 19.25 -5.67
CA SER A 218 11.11 19.84 -5.40
C SER A 218 10.56 19.73 -3.99
N VAL A 219 11.04 18.75 -3.21
CA VAL A 219 10.49 18.54 -1.89
C VAL A 219 11.45 19.08 -0.81
N PRO A 220 10.95 19.96 0.08
CA PRO A 220 11.79 20.44 1.15
C PRO A 220 12.37 19.28 1.94
N LYS A 221 13.66 19.35 2.23
CA LYS A 221 14.35 18.31 2.99
C LYS A 221 13.69 18.01 4.34
N GLU A 222 13.03 19.02 4.88
CA GLU A 222 12.33 18.88 6.17
C GLU A 222 11.14 17.92 6.10
N HIS A 223 10.65 17.65 4.89
CA HIS A 223 9.53 16.75 4.69
C HIS A 223 9.95 15.33 4.25
N ILE A 224 11.25 15.12 4.11
CA ILE A 224 11.81 13.87 3.58
C ILE A 224 12.31 13.02 4.75
N LEU A 225 11.79 11.79 4.84
CA LEU A 225 12.17 10.88 5.91
C LEU A 225 12.99 9.71 5.32
N PRO A 226 14.28 9.63 5.66
CA PRO A 226 14.97 8.44 5.14
C PRO A 226 14.38 7.15 5.70
N SER A 227 13.86 7.21 6.92
CA SER A 227 13.16 6.09 7.52
C SER A 227 12.20 6.63 8.58
N LEU A 228 11.35 5.77 9.10
CA LEU A 228 10.38 6.18 10.12
C LEU A 228 11.00 6.71 11.41
N ALA A 229 12.27 6.38 11.66
CA ALA A 229 13.01 6.94 12.80
C ALA A 229 13.03 8.48 12.76
N HIS A 230 12.90 9.05 11.57
CA HIS A 230 12.95 10.49 11.38
C HIS A 230 11.59 11.21 11.50
N LEU A 231 10.51 10.46 11.63
CA LEU A 231 9.18 11.05 11.63
C LEU A 231 8.93 11.95 12.83
N LEU A 232 9.09 11.43 14.04
CA LEU A 232 8.85 12.23 15.24
C LEU A 232 9.81 13.42 15.29
N PRO A 233 11.09 13.22 14.91
CA PRO A 233 11.96 14.41 14.84
C PRO A 233 11.48 15.47 13.85
N ALA A 234 10.97 15.04 12.70
CA ALA A 234 10.41 15.96 11.71
C ALA A 234 9.20 16.70 12.26
N LEU A 235 8.35 15.96 12.97
CA LEU A 235 7.16 16.54 13.57
C LEU A 235 7.54 17.56 14.62
N ASP A 236 8.61 17.30 15.40
CA ASP A 236 9.08 18.26 16.40
C ASP A 236 9.64 19.54 15.80
N CYS A 237 10.30 19.45 14.66
CA CYS A 237 10.76 20.69 13.99
C CYS A 237 9.59 21.50 13.45
N LEU A 238 8.59 20.80 12.93
CA LEU A 238 7.35 21.46 12.57
C LEU A 238 6.71 22.18 13.78
N GLU A 239 6.47 21.44 14.86
CA GLU A 239 5.87 22.02 16.07
C GLU A 239 6.70 23.16 16.66
N GLY A 240 8.03 23.00 16.61
CA GLY A 240 8.94 23.97 17.21
C GLY A 240 8.78 25.37 16.64
N SER A 241 8.38 25.43 15.36
CA SER A 241 8.00 26.68 14.72
C SER A 241 6.65 27.16 15.28
C1 EDO B . 12.52 36.34 12.76
O1 EDO B . 12.93 35.31 11.88
C2 EDO B . 11.77 35.69 13.92
O2 EDO B . 10.57 35.10 13.41
C1 GOL C . -3.99 -11.38 -5.29
O1 GOL C . -3.79 -12.75 -5.62
C2 GOL C . -2.87 -10.81 -4.46
O2 GOL C . -2.53 -9.47 -4.81
C3 GOL C . -1.61 -11.69 -4.50
O3 GOL C . -1.18 -11.84 -5.82
#